data_1XVA
#
_entry.id   1XVA
#
_cell.length_a   86.400
_cell.length_b   175.700
_cell.length_c   45.500
_cell.angle_alpha   90.00
_cell.angle_beta   90.00
_cell.angle_gamma   90.00
#
_symmetry.space_group_name_H-M   'P 21 21 2'
#
loop_
_entity.id
_entity.type
_entity.pdbx_description
1 polymer 'GLYCINE N-METHYLTRANSFERASE'
2 non-polymer 'ACETATE ION'
3 non-polymer S-ADENOSYLMETHIONINE
4 water water
#
_entity_poly.entity_id   1
_entity_poly.type   'polypeptide(L)'
_entity_poly.pdbx_seq_one_letter_code
;VDSVYRTRSLGVAAEGIPDQYADGEAARVWQLYIGDTRSRTAEYKAWLLGLLRQHGCHRVLDVACGTGVDSIMLVEEGFS
VTSVDASDKMLKYALKERWNRRKEPAFDKWVIEEANWLTLDKDVPAGDGFDAVICLGNSFAHLPDSKGDQSEHRLALKNI
ASMVRPGGLLVIDHRNYDYILSTGCAPPGKNIYYKSDLTKDITTSVLTVNNKAHMVTLDYTVQVPGAGRDGAPGFSKFRL
SYYPHCLASFTELVQEAFGGRCQHSVLGDFKPYRPGQAYVPCYFIHVLKKTG
;
_entity_poly.pdbx_strand_id   A,B
#
loop_
_chem_comp.id
_chem_comp.type
_chem_comp.name
_chem_comp.formula
ACT non-polymer 'ACETATE ION' 'C2 H3 O2 -1'
SAM non-polymer S-ADENOSYLMETHIONINE 'C15 H22 N6 O5 S'
#
# COMPACT_ATOMS: atom_id res chain seq x y z
N VAL A 1 -4.01 24.73 -28.16
CA VAL A 1 -3.65 23.37 -27.84
C VAL A 1 -3.20 23.44 -26.38
N ASP A 2 -3.53 22.37 -25.64
CA ASP A 2 -3.21 22.25 -24.22
C ASP A 2 -2.60 20.89 -24.00
N SER A 3 -1.72 20.82 -23.01
CA SER A 3 -1.07 19.60 -22.58
C SER A 3 -0.92 19.68 -21.05
N VAL A 4 -0.81 18.51 -20.41
CA VAL A 4 -0.67 18.39 -18.94
C VAL A 4 0.42 17.42 -18.47
N TYR A 5 1.51 18.00 -17.97
CA TYR A 5 2.67 17.27 -17.48
C TYR A 5 2.44 16.87 -16.03
N ARG A 6 2.74 15.63 -15.58
CA ARG A 6 2.70 15.27 -14.18
C ARG A 6 4.12 14.90 -13.83
N THR A 7 4.54 15.05 -12.58
CA THR A 7 5.81 14.57 -12.03
C THR A 7 6.06 13.09 -12.35
N ARG A 8 5.09 12.28 -11.99
CA ARG A 8 5.15 10.85 -12.12
C ARG A 8 3.74 10.42 -12.38
N SER A 9 3.77 9.26 -13.01
CA SER A 9 2.53 8.64 -13.37
C SER A 9 1.76 8.28 -12.11
N LEU A 10 0.48 8.36 -12.39
CA LEU A 10 -0.56 7.87 -11.50
C LEU A 10 -0.43 6.37 -11.31
N GLY A 11 -0.13 5.99 -10.08
CA GLY A 11 0.09 4.63 -9.69
C GLY A 11 1.55 4.34 -9.40
N VAL A 12 2.55 5.17 -9.64
CA VAL A 12 3.90 4.71 -9.40
C VAL A 12 4.40 5.24 -8.08
N ALA A 13 5.38 4.57 -7.49
CA ALA A 13 5.91 5.02 -6.22
C ALA A 13 7.40 5.22 -6.38
N ALA A 14 8.05 5.78 -5.36
CA ALA A 14 9.48 5.97 -5.41
C ALA A 14 9.99 6.08 -3.95
N GLU A 15 11.21 5.66 -3.78
CA GLU A 15 11.87 5.50 -2.46
C GLU A 15 11.87 6.77 -1.57
N GLY A 16 12.19 7.93 -2.21
CA GLY A 16 12.21 9.09 -1.29
C GLY A 16 10.93 9.33 -0.45
N ILE A 17 9.75 9.02 -1.05
CA ILE A 17 8.63 9.93 -0.96
C ILE A 17 7.28 9.26 -0.63
N PRO A 18 6.31 9.91 0.06
CA PRO A 18 5.04 9.30 0.31
C PRO A 18 4.34 9.10 -1.02
N ASP A 19 3.61 8.01 -1.03
CA ASP A 19 2.77 7.61 -2.18
C ASP A 19 1.68 8.60 -2.54
N GLN A 20 1.18 8.53 -3.79
CA GLN A 20 0.30 9.57 -4.22
C GLN A 20 -0.82 9.99 -3.33
N TYR A 21 -1.80 9.40 -2.85
CA TYR A 21 -2.81 10.28 -2.20
C TYR A 21 -2.82 10.20 -0.69
N ALA A 22 -1.65 9.88 -0.12
CA ALA A 22 -1.55 9.33 1.20
C ALA A 22 -1.70 10.24 2.39
N ASP A 23 -1.27 11.48 2.26
CA ASP A 23 -1.38 12.37 3.38
C ASP A 23 -2.36 13.49 3.05
N GLY A 24 -3.27 13.24 2.13
CA GLY A 24 -4.33 14.20 1.99
C GLY A 24 -5.18 14.11 3.24
N GLU A 25 -5.74 15.26 3.48
CA GLU A 25 -6.85 15.51 4.39
C GLU A 25 -7.86 14.38 4.48
N ALA A 26 -8.45 13.97 3.35
CA ALA A 26 -9.32 12.81 3.32
C ALA A 26 -8.67 11.49 3.71
N ALA A 27 -7.44 11.15 3.35
CA ALA A 27 -6.84 9.92 3.84
C ALA A 27 -6.55 9.98 5.31
N ARG A 28 -6.46 11.14 5.97
CA ARG A 28 -6.21 11.19 7.39
C ARG A 28 -7.44 11.00 8.27
N VAL A 29 -8.59 11.59 7.94
CA VAL A 29 -9.80 11.27 8.65
C VAL A 29 -10.21 9.87 8.33
N TRP A 30 -10.03 9.41 7.08
CA TRP A 30 -10.39 8.05 6.75
C TRP A 30 -9.63 7.08 7.63
N GLN A 31 -8.34 7.34 7.88
CA GLN A 31 -7.54 6.45 8.73
C GLN A 31 -8.08 6.49 10.12
N LEU A 32 -8.57 7.65 10.60
CA LEU A 32 -9.24 7.71 11.89
C LEU A 32 -10.45 6.80 11.93
N TYR A 33 -11.28 6.95 10.89
CA TYR A 33 -12.49 6.20 10.72
C TYR A 33 -12.24 4.72 10.66
N ILE A 34 -11.27 4.13 9.95
CA ILE A 34 -11.09 2.68 10.04
C ILE A 34 -10.50 2.27 11.38
N GLY A 35 -9.75 3.10 12.11
CA GLY A 35 -9.18 2.68 13.38
C GLY A 35 -10.20 2.70 14.52
N ASP A 36 -10.85 3.84 14.68
CA ASP A 36 -11.78 4.04 15.79
C ASP A 36 -13.22 3.66 15.42
N THR A 37 -13.23 2.62 14.62
CA THR A 37 -14.38 1.80 14.37
C THR A 37 -13.91 0.37 14.06
N ARG A 38 -13.07 -0.19 14.93
CA ARG A 38 -12.71 -1.60 14.78
C ARG A 38 -12.61 -2.28 16.17
N SER A 39 -13.58 -1.93 17.00
CA SER A 39 -13.75 -2.50 18.37
C SER A 39 -15.14 -3.20 18.42
N ARG A 40 -15.10 -4.51 18.20
CA ARG A 40 -16.32 -5.36 17.98
C ARG A 40 -17.26 -5.53 19.17
N THR A 41 -18.48 -5.80 18.77
CA THR A 41 -19.61 -5.98 19.66
C THR A 41 -19.74 -7.43 20.09
N ALA A 42 -19.91 -7.58 21.40
CA ALA A 42 -20.21 -8.85 22.05
C ALA A 42 -21.29 -9.67 21.36
N GLU A 43 -22.39 -9.01 20.93
CA GLU A 43 -23.45 -9.63 20.14
C GLU A 43 -22.92 -10.28 18.88
N TYR A 44 -22.01 -9.59 18.20
CA TYR A 44 -21.51 -10.07 16.94
C TYR A 44 -20.61 -11.26 17.19
N LYS A 45 -19.68 -11.10 18.12
CA LYS A 45 -18.75 -12.17 18.45
C LYS A 45 -19.49 -13.45 18.78
N ALA A 46 -20.41 -13.36 19.73
CA ALA A 46 -21.23 -14.49 20.10
C ALA A 46 -22.05 -15.06 18.97
N TRP A 47 -22.69 -14.19 18.16
CA TRP A 47 -23.47 -14.64 17.00
C TRP A 47 -22.60 -15.40 16.05
N LEU A 48 -21.48 -14.80 15.61
CA LEU A 48 -20.64 -15.39 14.57
C LEU A 48 -19.98 -16.63 15.14
N LEU A 49 -19.46 -16.66 16.36
CA LEU A 49 -18.88 -17.89 16.93
C LEU A 49 -19.89 -19.04 17.02
N GLY A 50 -21.06 -18.80 17.61
CA GLY A 50 -22.05 -19.87 17.75
C GLY A 50 -22.48 -20.49 16.44
N LEU A 51 -22.65 -19.70 15.36
CA LEU A 51 -23.02 -20.22 14.05
C LEU A 51 -21.98 -21.17 13.48
N LEU A 52 -20.72 -20.78 13.57
CA LEU A 52 -19.63 -21.52 12.96
C LEU A 52 -19.47 -22.83 13.71
N ARG A 53 -19.46 -22.69 15.02
CA ARG A 53 -19.35 -23.84 15.91
C ARG A 53 -20.52 -24.78 15.74
N GLN A 54 -21.70 -24.19 15.54
CA GLN A 54 -22.96 -24.94 15.48
C GLN A 54 -22.96 -25.86 14.28
N HIS A 55 -22.28 -25.40 13.23
CA HIS A 55 -22.18 -26.22 12.04
C HIS A 55 -20.87 -26.94 11.95
N GLY A 56 -20.02 -26.90 12.97
CA GLY A 56 -18.77 -27.64 12.92
C GLY A 56 -17.78 -27.14 11.88
N CYS A 57 -17.76 -25.82 11.63
CA CYS A 57 -16.78 -25.14 10.81
C CYS A 57 -15.44 -25.01 11.52
N HIS A 58 -14.35 -25.21 10.74
CA HIS A 58 -12.96 -25.16 11.21
C HIS A 58 -12.06 -24.42 10.23
N ARG A 59 -12.09 -24.59 8.91
CA ARG A 59 -11.36 -23.73 7.99
C ARG A 59 -12.30 -22.68 7.43
N VAL A 60 -11.92 -21.41 7.54
CA VAL A 60 -12.76 -20.27 7.18
C VAL A 60 -11.96 -19.40 6.19
N LEU A 61 -12.60 -18.94 5.12
CA LEU A 61 -12.02 -17.95 4.24
C LEU A 61 -12.70 -16.61 4.55
N ASP A 62 -11.98 -15.58 4.97
CA ASP A 62 -12.54 -14.24 5.01
C ASP A 62 -12.24 -13.56 3.69
N VAL A 63 -13.26 -13.22 2.91
CA VAL A 63 -12.96 -12.79 1.56
C VAL A 63 -13.07 -11.30 1.57
N ALA A 64 -13.28 -10.65 2.70
CA ALA A 64 -13.30 -9.21 2.69
C ALA A 64 -12.60 -8.76 3.97
N CYS A 65 -11.34 -9.09 3.95
CA CYS A 65 -10.49 -9.03 5.11
C CYS A 65 -10.38 -7.63 5.77
N GLY A 66 -10.09 -6.64 4.95
CA GLY A 66 -9.81 -5.28 5.45
C GLY A 66 -8.57 -5.31 6.37
N THR A 67 -8.73 -4.61 7.45
CA THR A 67 -7.73 -4.51 8.52
C THR A 67 -7.71 -5.78 9.30
N GLY A 68 -8.55 -6.75 9.06
CA GLY A 68 -8.33 -8.05 9.65
C GLY A 68 -9.19 -8.26 10.88
N VAL A 69 -10.03 -7.28 11.31
CA VAL A 69 -10.76 -7.44 12.59
C VAL A 69 -11.59 -8.69 12.66
N ASP A 70 -12.27 -9.02 11.57
CA ASP A 70 -13.04 -10.24 11.59
C ASP A 70 -12.13 -11.45 11.68
N SER A 71 -11.02 -11.48 10.93
CA SER A 71 -10.17 -12.66 10.93
C SER A 71 -9.45 -12.84 12.25
N ILE A 72 -9.12 -11.72 12.90
CA ILE A 72 -8.35 -11.75 14.12
C ILE A 72 -9.21 -12.44 15.13
N MET A 73 -10.49 -12.10 15.26
CA MET A 73 -11.37 -12.77 16.20
C MET A 73 -11.34 -14.29 16.04
N LEU A 74 -11.43 -14.71 14.79
CA LEU A 74 -11.45 -16.12 14.46
C LEU A 74 -10.11 -16.76 14.63
N VAL A 75 -9.01 -16.07 14.33
CA VAL A 75 -7.68 -16.63 14.48
C VAL A 75 -7.50 -16.87 15.95
N GLU A 76 -7.95 -15.98 16.81
CA GLU A 76 -7.83 -16.13 18.24
C GLU A 76 -8.60 -17.30 18.81
N GLU A 77 -9.81 -17.57 18.32
CA GLU A 77 -10.65 -18.66 18.79
C GLU A 77 -10.37 -19.98 18.11
N GLY A 78 -9.22 -20.05 17.47
CA GLY A 78 -8.58 -21.31 17.16
C GLY A 78 -8.98 -21.90 15.83
N PHE A 79 -9.69 -21.12 14.99
CA PHE A 79 -10.00 -21.54 13.61
C PHE A 79 -8.78 -21.41 12.68
N SER A 80 -8.70 -22.21 11.62
CA SER A 80 -7.69 -22.11 10.58
C SER A 80 -8.24 -21.03 9.64
N VAL A 81 -7.68 -19.81 9.61
CA VAL A 81 -8.25 -18.80 8.75
C VAL A 81 -7.34 -18.22 7.66
N THR A 82 -7.94 -18.10 6.44
CA THR A 82 -7.26 -17.43 5.36
C THR A 82 -8.05 -16.19 4.97
N SER A 83 -7.34 -15.06 4.93
CA SER A 83 -7.96 -13.78 4.70
C SER A 83 -7.47 -13.17 3.41
N VAL A 84 -8.39 -12.85 2.49
CA VAL A 84 -8.00 -12.10 1.32
C VAL A 84 -8.73 -10.74 1.23
N ASP A 85 -8.10 -9.83 0.49
CA ASP A 85 -8.69 -8.58 0.13
C ASP A 85 -7.90 -8.08 -1.06
N ALA A 86 -8.60 -7.17 -1.75
CA ALA A 86 -8.09 -6.52 -2.94
C ALA A 86 -7.41 -5.23 -2.64
N SER A 87 -7.61 -4.72 -1.45
CA SER A 87 -7.03 -3.43 -1.16
C SER A 87 -5.74 -3.63 -0.38
N ASP A 88 -4.60 -3.28 -0.96
CA ASP A 88 -3.34 -3.14 -0.25
C ASP A 88 -3.35 -2.17 0.90
N LYS A 89 -3.91 -1.00 0.74
CA LYS A 89 -3.91 0.01 1.79
C LYS A 89 -4.63 -0.52 3.00
N MET A 90 -5.60 -1.38 2.82
CA MET A 90 -6.24 -1.99 3.98
C MET A 90 -5.55 -3.22 4.54
N LEU A 91 -5.06 -4.12 3.69
CA LEU A 91 -4.35 -5.34 4.08
C LEU A 91 -3.12 -5.00 4.90
N LYS A 92 -2.42 -3.95 4.53
CA LYS A 92 -1.42 -3.35 5.37
C LYS A 92 -1.71 -3.42 6.87
N TYR A 93 -2.93 -3.21 7.33
CA TYR A 93 -3.14 -3.22 8.75
C TYR A 93 -3.30 -4.62 9.32
N ALA A 94 -3.73 -5.60 8.52
CA ALA A 94 -3.84 -6.97 8.99
C ALA A 94 -2.47 -7.62 9.04
N LEU A 95 -1.68 -7.35 8.00
CA LEU A 95 -0.30 -7.81 7.90
C LEU A 95 0.55 -7.39 9.07
N LYS A 96 0.47 -6.12 9.39
CA LYS A 96 1.17 -5.53 10.53
C LYS A 96 0.76 -6.17 11.87
N GLU A 97 -0.51 -6.46 12.12
CA GLU A 97 -0.96 -7.16 13.31
C GLU A 97 -0.43 -8.58 13.33
N ARG A 98 -0.39 -9.22 12.15
CA ARG A 98 0.08 -10.60 12.17
C ARG A 98 1.52 -10.64 12.65
N TRP A 99 2.30 -9.64 12.24
CA TRP A 99 3.70 -9.57 12.55
C TRP A 99 3.90 -9.34 14.04
N ASN A 100 3.15 -8.41 14.58
CA ASN A 100 3.35 -8.08 15.96
C ASN A 100 2.95 -9.20 16.84
N ARG A 101 2.03 -10.04 16.39
CA ARG A 101 1.64 -11.17 17.18
C ARG A 101 2.21 -12.47 16.60
N ARG A 102 3.28 -12.44 15.77
CA ARG A 102 3.82 -13.62 15.09
C ARG A 102 4.38 -14.72 15.99
N LYS A 103 4.52 -14.35 17.26
CA LYS A 103 5.00 -15.22 18.33
C LYS A 103 3.97 -16.11 19.03
N GLU A 104 2.70 -15.79 18.86
CA GLU A 104 1.60 -16.59 19.31
C GLU A 104 1.41 -17.59 18.17
N PRO A 105 1.52 -18.92 18.37
CA PRO A 105 1.44 -19.91 17.28
C PRO A 105 0.17 -19.79 16.41
N ALA A 106 -1.01 -19.31 16.82
CA ALA A 106 -2.17 -19.28 15.95
C ALA A 106 -1.92 -18.24 14.87
N PHE A 107 -1.37 -17.09 15.29
CA PHE A 107 -1.05 -15.96 14.45
C PHE A 107 0.08 -16.24 13.50
N ASP A 108 1.02 -17.11 13.87
CA ASP A 108 1.98 -17.57 12.90
C ASP A 108 1.34 -18.37 11.73
N LYS A 109 0.16 -18.95 11.98
CA LYS A 109 -0.53 -19.77 11.00
C LYS A 109 -1.58 -19.04 10.18
N TRP A 110 -1.80 -17.74 10.42
CA TRP A 110 -2.81 -16.99 9.68
C TRP A 110 -2.34 -16.68 8.24
N VAL A 111 -3.07 -17.10 7.21
CA VAL A 111 -2.69 -16.68 5.88
C VAL A 111 -3.40 -15.39 5.45
N ILE A 112 -2.73 -14.37 4.93
CA ILE A 112 -3.38 -13.16 4.49
C ILE A 112 -2.85 -12.98 3.09
N GLU A 113 -3.72 -12.84 2.14
CA GLU A 113 -3.32 -12.85 0.75
C GLU A 113 -4.06 -11.78 -0.03
N GLU A 114 -3.47 -11.36 -1.11
CA GLU A 114 -4.17 -10.50 -2.05
C GLU A 114 -5.10 -11.40 -2.92
N ALA A 115 -6.32 -10.95 -3.15
CA ALA A 115 -7.26 -11.63 -4.10
C ALA A 115 -8.45 -10.73 -4.38
N ASN A 116 -9.11 -10.96 -5.46
CA ASN A 116 -10.21 -10.09 -5.88
C ASN A 116 -11.39 -10.97 -6.15
N TRP A 117 -12.62 -10.59 -5.85
CA TRP A 117 -13.77 -11.48 -6.00
C TRP A 117 -13.95 -11.91 -7.43
N LEU A 118 -13.57 -11.03 -8.32
CA LEU A 118 -13.69 -11.24 -9.75
C LEU A 118 -12.81 -12.33 -10.35
N THR A 119 -11.69 -12.56 -9.70
CA THR A 119 -10.72 -13.52 -10.19
C THR A 119 -10.48 -14.53 -9.09
N LEU A 120 -11.38 -14.59 -8.08
CA LEU A 120 -11.07 -15.23 -6.82
C LEU A 120 -10.62 -16.68 -6.95
N ASP A 121 -11.25 -17.35 -7.88
CA ASP A 121 -10.89 -18.72 -8.20
C ASP A 121 -9.46 -18.91 -8.69
N LYS A 122 -8.92 -17.93 -9.41
CA LYS A 122 -7.55 -17.96 -9.93
C LYS A 122 -6.54 -17.55 -8.86
N ASP A 123 -7.02 -16.98 -7.77
CA ASP A 123 -6.17 -16.40 -6.75
C ASP A 123 -6.06 -17.20 -5.47
N VAL A 124 -7.12 -17.95 -5.10
CA VAL A 124 -7.16 -18.71 -3.85
C VAL A 124 -7.36 -20.18 -4.22
N PRO A 125 -6.52 -21.08 -3.71
CA PRO A 125 -6.76 -22.52 -3.79
C PRO A 125 -7.77 -22.95 -2.75
N ALA A 126 -9.00 -23.22 -3.22
CA ALA A 126 -10.03 -23.83 -2.39
C ALA A 126 -9.68 -25.26 -2.00
N GLY A 127 -9.12 -25.96 -3.01
CA GLY A 127 -8.93 -27.40 -2.94
C GLY A 127 -10.31 -28.03 -2.94
N ASP A 128 -10.66 -28.59 -1.78
CA ASP A 128 -12.00 -29.11 -1.64
C ASP A 128 -13.04 -28.14 -1.11
N GLY A 129 -12.58 -26.93 -0.78
CA GLY A 129 -13.43 -25.83 -0.39
C GLY A 129 -13.31 -25.53 1.10
N PHE A 130 -13.72 -24.34 1.48
CA PHE A 130 -13.62 -23.94 2.85
C PHE A 130 -14.93 -24.31 3.55
N ASP A 131 -14.92 -24.35 4.89
CA ASP A 131 -16.06 -24.71 5.70
C ASP A 131 -17.09 -23.60 5.77
N ALA A 132 -16.61 -22.39 5.93
CA ALA A 132 -17.43 -21.21 5.84
C ALA A 132 -16.66 -20.19 4.97
N VAL A 133 -17.36 -19.41 4.17
CA VAL A 133 -16.80 -18.20 3.61
C VAL A 133 -17.48 -17.06 4.33
N ILE A 134 -16.80 -16.00 4.79
CA ILE A 134 -17.44 -14.81 5.32
C ILE A 134 -17.13 -13.55 4.50
N CYS A 135 -18.13 -12.68 4.33
CA CYS A 135 -18.01 -11.41 3.65
C CYS A 135 -18.95 -10.45 4.38
N LEU A 136 -18.54 -10.11 5.59
CA LEU A 136 -19.36 -9.33 6.49
C LEU A 136 -18.99 -7.85 6.48
N GLY A 137 -19.80 -7.02 7.10
CA GLY A 137 -19.44 -5.60 7.23
C GLY A 137 -19.97 -4.74 6.13
N ASN A 138 -20.81 -5.26 5.25
CA ASN A 138 -21.42 -4.56 4.12
C ASN A 138 -20.41 -4.29 3.03
N SER A 139 -19.47 -5.23 2.87
CA SER A 139 -18.38 -5.06 1.95
C SER A 139 -18.79 -5.43 0.55
N PHE A 140 -19.81 -6.27 0.33
CA PHE A 140 -20.05 -6.70 -1.02
C PHE A 140 -20.54 -5.49 -1.78
N ALA A 141 -21.25 -4.61 -1.11
CA ALA A 141 -21.86 -3.45 -1.69
C ALA A 141 -20.80 -2.47 -2.16
N HIS A 142 -19.51 -2.65 -1.94
CA HIS A 142 -18.50 -1.76 -2.45
C HIS A 142 -18.27 -1.85 -3.97
N LEU A 143 -18.68 -2.98 -4.50
CA LEU A 143 -18.42 -3.30 -5.87
C LEU A 143 -19.47 -2.61 -6.72
N PRO A 144 -19.08 -1.62 -7.51
CA PRO A 144 -20.01 -0.91 -8.36
C PRO A 144 -20.48 -1.77 -9.55
N ASP A 145 -21.55 -1.29 -10.17
CA ASP A 145 -22.04 -1.89 -11.39
C ASP A 145 -21.79 -1.02 -12.59
N SER A 146 -20.71 -1.44 -13.20
CA SER A 146 -20.08 -0.67 -14.23
C SER A 146 -20.60 -0.96 -15.61
N LYS A 147 -21.19 -2.12 -15.83
CA LYS A 147 -21.73 -2.37 -17.13
C LYS A 147 -23.25 -2.21 -17.15
N GLY A 148 -23.89 -1.69 -16.10
CA GLY A 148 -25.34 -1.46 -16.11
C GLY A 148 -26.22 -2.69 -15.87
N ASP A 149 -25.90 -3.88 -16.40
CA ASP A 149 -26.45 -5.18 -16.03
C ASP A 149 -25.65 -5.70 -14.87
N GLN A 150 -26.06 -6.58 -13.97
CA GLN A 150 -25.19 -6.74 -12.82
C GLN A 150 -24.20 -7.86 -13.03
N SER A 151 -23.52 -7.91 -14.19
CA SER A 151 -22.73 -9.08 -14.55
C SER A 151 -21.54 -9.25 -13.64
N GLU A 152 -20.90 -8.15 -13.27
CA GLU A 152 -19.88 -8.20 -12.23
C GLU A 152 -20.31 -8.67 -10.85
N HIS A 153 -21.49 -8.31 -10.34
CA HIS A 153 -21.98 -8.90 -9.10
C HIS A 153 -22.20 -10.40 -9.22
N ARG A 154 -22.75 -10.80 -10.36
CA ARG A 154 -22.95 -12.21 -10.63
C ARG A 154 -21.64 -13.03 -10.63
N LEU A 155 -20.65 -12.56 -11.39
CA LEU A 155 -19.35 -13.20 -11.45
C LEU A 155 -18.73 -13.33 -10.06
N ALA A 156 -18.53 -12.21 -9.38
CA ALA A 156 -18.05 -12.17 -7.99
C ALA A 156 -18.78 -13.11 -7.04
N LEU A 157 -20.10 -13.15 -7.06
CA LEU A 157 -20.85 -13.99 -6.14
C LEU A 157 -20.65 -15.44 -6.52
N LYS A 158 -20.52 -15.77 -7.77
CA LYS A 158 -20.31 -17.14 -8.19
C LYS A 158 -18.93 -17.59 -7.73
N ASN A 159 -17.90 -16.78 -7.94
CA ASN A 159 -16.57 -17.11 -7.48
C ASN A 159 -16.54 -17.23 -5.98
N ILE A 160 -17.24 -16.41 -5.20
CA ILE A 160 -17.35 -16.61 -3.76
C ILE A 160 -18.04 -17.93 -3.41
N ALA A 161 -19.13 -18.25 -4.10
CA ALA A 161 -19.87 -19.51 -3.96
C ALA A 161 -18.95 -20.71 -4.17
N SER A 162 -18.08 -20.64 -5.17
CA SER A 162 -17.26 -21.77 -5.46
C SER A 162 -16.28 -22.12 -4.32
N MET A 163 -15.95 -21.23 -3.40
CA MET A 163 -14.94 -21.53 -2.39
C MET A 163 -15.60 -22.27 -1.28
N VAL A 164 -16.92 -22.40 -1.26
CA VAL A 164 -17.61 -23.03 -0.16
C VAL A 164 -17.62 -24.53 -0.41
N ARG A 165 -17.18 -25.36 0.51
CA ARG A 165 -17.29 -26.80 0.42
C ARG A 165 -18.76 -27.21 0.38
N PRO A 166 -19.16 -28.33 -0.21
CA PRO A 166 -20.54 -28.84 -0.07
C PRO A 166 -20.77 -29.07 1.42
N GLY A 167 -21.90 -28.60 1.92
CA GLY A 167 -22.20 -28.65 3.33
C GLY A 167 -21.60 -27.50 4.08
N GLY A 168 -20.82 -26.64 3.42
CA GLY A 168 -20.27 -25.46 4.07
C GLY A 168 -21.22 -24.28 3.99
N LEU A 169 -20.87 -23.16 4.63
CA LEU A 169 -21.65 -21.93 4.70
C LEU A 169 -21.04 -20.79 3.91
N LEU A 170 -21.90 -19.94 3.36
CA LEU A 170 -21.54 -18.61 2.95
C LEU A 170 -22.32 -17.71 3.87
N VAL A 171 -21.64 -16.79 4.56
CA VAL A 171 -22.29 -15.78 5.39
C VAL A 171 -21.99 -14.41 4.75
N ILE A 172 -22.97 -13.66 4.21
CA ILE A 172 -22.69 -12.43 3.48
C ILE A 172 -23.79 -11.49 3.79
N ASP A 173 -23.50 -10.23 4.13
CA ASP A 173 -24.52 -9.32 4.50
C ASP A 173 -24.58 -8.11 3.55
N HIS A 174 -25.58 -7.28 3.79
CA HIS A 174 -25.70 -5.94 3.15
C HIS A 174 -26.54 -5.05 4.05
N ARG A 175 -26.32 -3.79 3.93
CA ARG A 175 -27.07 -2.77 4.65
C ARG A 175 -28.51 -2.82 4.17
N ASN A 176 -29.46 -2.32 4.93
CA ASN A 176 -30.84 -2.27 4.50
C ASN A 176 -31.07 -1.09 3.54
N TYR A 177 -30.86 -1.34 2.27
CA TYR A 177 -30.97 -0.28 1.25
C TYR A 177 -32.43 0.10 0.95
N ASP A 178 -33.29 -0.85 1.15
CA ASP A 178 -34.74 -0.67 1.00
C ASP A 178 -35.22 0.52 1.82
N TYR A 179 -34.83 0.49 3.07
CA TYR A 179 -35.09 1.64 3.90
C TYR A 179 -34.39 2.92 3.48
N ILE A 180 -33.12 2.80 3.12
CA ILE A 180 -32.27 3.92 2.77
C ILE A 180 -32.89 4.56 1.57
N LEU A 181 -33.31 3.79 0.60
CA LEU A 181 -33.84 4.27 -0.63
C LEU A 181 -35.21 4.85 -0.41
N SER A 182 -35.96 4.61 0.70
CA SER A 182 -37.21 5.32 0.95
C SER A 182 -37.11 6.58 1.80
N THR A 183 -36.27 6.57 2.79
CA THR A 183 -35.99 7.70 3.65
C THR A 183 -34.88 8.57 3.04
N GLY A 184 -34.14 8.08 2.12
CA GLY A 184 -33.00 8.81 1.58
C GLY A 184 -31.93 9.06 2.63
N CYS A 185 -31.97 8.40 3.78
CA CYS A 185 -31.00 8.68 4.81
C CYS A 185 -30.52 7.40 5.40
N ALA A 186 -29.24 7.21 5.13
CA ALA A 186 -28.44 6.22 5.80
C ALA A 186 -28.11 6.93 7.12
N PRO A 187 -28.79 6.62 8.20
CA PRO A 187 -28.52 7.27 9.52
C PRO A 187 -27.13 6.90 10.08
N PRO A 188 -26.34 7.81 10.79
CA PRO A 188 -25.05 7.42 11.35
C PRO A 188 -25.15 6.52 12.56
N GLY A 189 -24.15 5.67 12.59
CA GLY A 189 -23.73 4.87 13.75
C GLY A 189 -24.77 3.89 14.37
N LYS A 190 -25.82 3.49 13.70
CA LYS A 190 -26.56 2.36 14.27
C LYS A 190 -25.88 1.15 13.69
N ASN A 191 -24.88 0.69 14.43
CA ASN A 191 -24.03 -0.40 13.99
C ASN A 191 -23.99 -1.49 15.07
N ILE A 192 -24.16 -2.64 14.40
CA ILE A 192 -24.41 -3.90 15.07
C ILE A 192 -23.14 -4.66 15.23
N TYR A 193 -22.08 -4.37 14.43
CA TYR A 193 -20.84 -5.14 14.47
C TYR A 193 -19.75 -4.55 15.34
N TYR A 194 -19.64 -3.22 15.29
CA TYR A 194 -18.49 -2.57 15.92
C TYR A 194 -19.02 -1.39 16.69
N LYS A 195 -18.46 -1.10 17.86
CA LYS A 195 -18.83 0.08 18.62
C LYS A 195 -17.98 1.33 18.32
N SER A 196 -18.62 2.33 17.71
CA SER A 196 -18.02 3.58 17.25
C SER A 196 -17.87 4.58 18.39
N ASP A 197 -16.63 5.02 18.52
CA ASP A 197 -16.39 6.11 19.43
C ASP A 197 -16.56 7.42 18.73
N LEU A 198 -16.41 7.50 17.40
CA LEU A 198 -16.30 8.80 16.78
C LEU A 198 -17.66 9.38 16.46
N THR A 199 -17.79 10.71 16.57
CA THR A 199 -19.01 11.39 16.23
C THR A 199 -18.91 11.74 14.73
N LYS A 200 -19.93 11.40 13.93
CA LYS A 200 -19.95 11.74 12.56
C LYS A 200 -21.32 12.22 12.06
N ASP A 201 -21.38 13.04 11.02
CA ASP A 201 -22.62 13.26 10.30
C ASP A 201 -22.51 12.62 8.89
N ILE A 202 -23.61 12.11 8.33
CA ILE A 202 -23.60 11.55 6.99
C ILE A 202 -24.65 12.20 6.09
N THR A 203 -24.24 12.72 4.93
CA THR A 203 -25.11 13.17 3.84
C THR A 203 -25.23 12.00 2.89
N THR A 204 -26.38 11.60 2.38
CA THR A 204 -26.53 10.40 1.61
C THR A 204 -26.97 10.93 0.27
N SER A 205 -26.42 10.54 -0.84
CA SER A 205 -26.85 10.95 -2.15
C SER A 205 -27.27 9.70 -2.88
N VAL A 206 -28.37 9.66 -3.55
CA VAL A 206 -28.77 8.44 -4.21
C VAL A 206 -28.79 8.79 -5.71
N LEU A 207 -28.11 8.02 -6.52
CA LEU A 207 -28.10 8.27 -7.98
C LEU A 207 -28.98 7.24 -8.63
N THR A 208 -29.89 7.73 -9.41
CA THR A 208 -30.89 6.89 -10.07
C THR A 208 -30.77 7.13 -11.62
N VAL A 209 -30.47 6.05 -12.42
CA VAL A 209 -30.35 6.22 -13.91
C VAL A 209 -31.30 5.31 -14.74
N ASN A 210 -32.16 6.08 -15.43
CA ASN A 210 -33.43 5.67 -16.10
C ASN A 210 -34.03 4.53 -15.32
N ASN A 211 -34.52 5.10 -14.24
CA ASN A 211 -35.28 4.55 -13.11
C ASN A 211 -34.79 3.23 -12.55
N LYS A 212 -33.61 3.31 -11.99
CA LYS A 212 -32.97 2.25 -11.18
C LYS A 212 -31.95 2.93 -10.28
N ALA A 213 -32.12 2.72 -8.99
CA ALA A 213 -31.15 3.16 -7.98
C ALA A 213 -29.84 2.56 -8.37
N HIS A 214 -28.87 3.36 -8.58
CA HIS A 214 -27.67 2.84 -9.16
C HIS A 214 -26.47 2.97 -8.25
N MET A 215 -26.59 3.84 -7.28
CA MET A 215 -25.48 4.11 -6.38
C MET A 215 -25.97 4.99 -5.23
N VAL A 216 -25.42 4.73 -4.05
CA VAL A 216 -25.63 5.55 -2.85
C VAL A 216 -24.25 6.07 -2.44
N THR A 217 -24.14 7.36 -2.23
CA THR A 217 -22.86 7.96 -1.80
C THR A 217 -23.00 8.57 -0.41
N LEU A 218 -22.05 8.22 0.46
CA LEU A 218 -22.03 8.75 1.80
C LEU A 218 -20.89 9.73 1.92
N ASP A 219 -21.16 10.96 2.34
CA ASP A 219 -20.13 11.91 2.72
C ASP A 219 -20.08 11.95 4.22
N TYR A 220 -18.93 11.54 4.75
CA TYR A 220 -18.70 11.46 6.18
C TYR A 220 -18.07 12.75 6.72
N THR A 221 -18.67 13.42 7.71
CA THR A 221 -18.03 14.56 8.34
C THR A 221 -17.63 14.10 9.68
N VAL A 222 -16.35 13.89 9.85
CA VAL A 222 -15.85 13.36 11.08
C VAL A 222 -15.37 14.53 11.94
N GLN A 223 -15.86 14.48 13.16
CA GLN A 223 -15.47 15.43 14.18
C GLN A 223 -14.12 14.95 14.70
N VAL A 224 -13.03 15.64 14.49
CA VAL A 224 -11.78 15.18 15.02
C VAL A 224 -11.31 15.86 16.34
N PRO A 225 -11.36 15.13 17.50
CA PRO A 225 -11.39 15.63 18.87
C PRO A 225 -10.41 16.61 19.44
N GLY A 226 -9.22 16.77 18.84
CA GLY A 226 -8.37 17.81 19.38
C GLY A 226 -7.77 18.74 18.34
N ALA A 227 -8.38 18.92 17.19
CA ALA A 227 -7.63 19.57 16.13
C ALA A 227 -7.74 21.07 16.15
N GLY A 228 -8.74 21.65 16.85
CA GLY A 228 -9.00 23.09 16.81
C GLY A 228 -8.21 23.85 17.87
N ARG A 229 -8.73 25.02 18.23
CA ARG A 229 -8.06 25.87 19.22
C ARG A 229 -8.08 25.33 20.63
N ASP A 230 -9.06 25.63 21.51
CA ASP A 230 -8.81 25.40 22.95
C ASP A 230 -9.26 24.03 23.42
N GLY A 231 -8.59 23.05 22.80
CA GLY A 231 -8.96 21.65 22.75
C GLY A 231 -10.15 21.39 21.85
N ALA A 232 -10.77 22.43 21.27
CA ALA A 232 -11.96 22.28 20.43
C ALA A 232 -11.80 21.23 19.29
N PRO A 233 -12.84 20.49 18.86
CA PRO A 233 -12.75 19.50 17.77
C PRO A 233 -12.46 20.14 16.41
N GLY A 234 -11.70 19.58 15.51
CA GLY A 234 -11.30 20.09 14.18
C GLY A 234 -12.14 19.13 13.28
N PHE A 235 -12.56 19.51 12.10
CA PHE A 235 -13.45 18.63 11.27
C PHE A 235 -13.04 18.34 9.85
N SER A 236 -13.21 17.08 9.41
CA SER A 236 -12.86 16.73 8.02
C SER A 236 -13.85 15.73 7.43
N LYS A 237 -13.89 15.71 6.10
CA LYS A 237 -14.85 14.91 5.36
C LYS A 237 -14.22 13.83 4.53
N PHE A 238 -14.89 12.73 4.27
CA PHE A 238 -14.39 11.89 3.21
C PHE A 238 -15.62 11.26 2.61
N ARG A 239 -15.44 10.58 1.50
CA ARG A 239 -16.59 10.09 0.82
C ARG A 239 -16.36 8.69 0.38
N LEU A 240 -17.43 7.92 0.28
CA LEU A 240 -17.30 6.56 -0.16
C LEU A 240 -18.67 6.14 -0.73
N SER A 241 -18.74 5.33 -1.81
CA SER A 241 -19.96 4.89 -2.42
C SER A 241 -20.27 3.41 -2.35
N TYR A 242 -21.56 3.09 -2.51
CA TYR A 242 -22.06 1.75 -2.35
C TYR A 242 -23.05 1.37 -3.45
N TYR A 243 -23.18 0.12 -3.80
CA TYR A 243 -24.27 -0.37 -4.60
C TYR A 243 -25.38 -0.77 -3.65
N PRO A 244 -26.55 -0.18 -3.89
CA PRO A 244 -27.72 -0.36 -3.09
C PRO A 244 -28.48 -1.67 -3.37
N HIS A 245 -28.07 -2.72 -2.71
CA HIS A 245 -28.69 -4.01 -2.87
C HIS A 245 -29.96 -4.09 -2.00
N CYS A 246 -31.04 -4.29 -2.68
CA CYS A 246 -32.31 -4.51 -2.04
C CYS A 246 -32.49 -5.94 -1.66
N LEU A 247 -33.23 -6.26 -0.61
CA LEU A 247 -33.25 -7.61 -0.11
C LEU A 247 -33.71 -8.62 -1.14
N ALA A 248 -34.82 -8.38 -1.83
CA ALA A 248 -35.32 -9.30 -2.83
C ALA A 248 -34.41 -9.54 -3.97
N SER A 249 -33.80 -8.55 -4.61
CA SER A 249 -32.86 -8.87 -5.67
C SER A 249 -31.60 -9.54 -5.17
N PHE A 250 -31.11 -9.11 -4.01
CA PHE A 250 -29.91 -9.69 -3.53
C PHE A 250 -30.20 -11.15 -3.24
N THR A 251 -31.36 -11.46 -2.66
CA THR A 251 -31.78 -12.81 -2.35
C THR A 251 -31.74 -13.66 -3.61
N GLU A 252 -32.20 -13.12 -4.73
CA GLU A 252 -32.16 -13.84 -5.99
C GLU A 252 -30.74 -13.96 -6.53
N LEU A 253 -29.94 -12.92 -6.35
CA LEU A 253 -28.61 -12.92 -6.91
C LEU A 253 -27.80 -14.00 -6.21
N VAL A 254 -27.86 -14.09 -4.88
CA VAL A 254 -27.08 -15.03 -4.10
C VAL A 254 -27.55 -16.47 -4.26
N GLN A 255 -28.82 -16.77 -4.51
CA GLN A 255 -29.21 -18.15 -4.79
C GLN A 255 -28.74 -18.63 -6.11
N GLU A 256 -28.90 -17.75 -7.06
CA GLU A 256 -28.44 -18.01 -8.40
C GLU A 256 -26.94 -18.32 -8.40
N ALA A 257 -26.10 -17.92 -7.43
CA ALA A 257 -24.66 -18.19 -7.43
C ALA A 257 -24.33 -19.61 -7.02
N PHE A 258 -25.15 -20.24 -6.19
CA PHE A 258 -25.09 -21.66 -5.87
C PHE A 258 -25.89 -22.52 -6.88
N GLY A 259 -26.34 -22.01 -8.04
CA GLY A 259 -27.18 -22.72 -8.98
C GLY A 259 -28.50 -23.20 -8.39
N GLY A 260 -29.05 -22.54 -7.35
CA GLY A 260 -30.19 -23.06 -6.61
C GLY A 260 -29.84 -24.11 -5.56
N ARG A 261 -28.70 -24.81 -5.64
CA ARG A 261 -28.34 -25.87 -4.72
C ARG A 261 -27.88 -25.32 -3.40
N CYS A 262 -28.81 -24.83 -2.62
CA CYS A 262 -28.45 -24.22 -1.37
C CYS A 262 -29.71 -24.11 -0.59
N GLN A 263 -29.51 -23.95 0.70
CA GLN A 263 -30.53 -23.58 1.64
C GLN A 263 -30.17 -22.14 2.03
N HIS A 264 -31.11 -21.22 2.21
CA HIS A 264 -30.80 -19.82 2.41
C HIS A 264 -31.55 -19.30 3.62
N SER A 265 -31.04 -18.55 4.59
CA SER A 265 -31.87 -17.88 5.58
C SER A 265 -31.43 -16.44 5.65
N VAL A 266 -32.23 -15.46 6.08
CA VAL A 266 -31.78 -14.08 6.20
C VAL A 266 -32.11 -13.64 7.61
N LEU A 267 -31.08 -13.16 8.27
CA LEU A 267 -31.27 -12.65 9.58
C LEU A 267 -31.49 -11.18 9.44
N GLY A 268 -32.37 -10.83 10.36
CA GLY A 268 -32.81 -9.50 10.72
C GLY A 268 -31.65 -8.80 11.29
N ASP A 269 -31.44 -8.32 12.50
CA ASP A 269 -30.08 -7.87 12.72
C ASP A 269 -29.39 -9.11 13.16
N PHE A 270 -29.31 -9.61 14.37
CA PHE A 270 -28.88 -11.02 14.36
C PHE A 270 -30.02 -12.02 14.50
N LYS A 271 -31.22 -11.44 14.55
CA LYS A 271 -32.43 -12.15 14.93
C LYS A 271 -33.00 -12.65 13.62
N PRO A 272 -33.79 -13.71 13.51
CA PRO A 272 -34.41 -14.04 12.22
C PRO A 272 -35.34 -12.96 11.60
N TYR A 273 -35.58 -13.00 10.31
CA TYR A 273 -36.35 -11.94 9.74
C TYR A 273 -37.62 -12.49 9.11
N ARG A 274 -38.77 -11.83 9.29
CA ARG A 274 -39.94 -12.10 8.45
C ARG A 274 -40.46 -10.78 7.93
N PRO A 275 -40.96 -10.69 6.67
CA PRO A 275 -41.57 -9.50 6.08
C PRO A 275 -42.63 -8.92 7.00
N GLY A 276 -42.61 -7.60 6.88
CA GLY A 276 -43.45 -6.72 7.63
C GLY A 276 -43.34 -6.88 9.13
N GLN A 277 -42.32 -7.53 9.66
CA GLN A 277 -42.10 -7.51 11.09
C GLN A 277 -41.91 -6.08 11.51
N ALA A 278 -42.34 -5.72 12.71
CA ALA A 278 -42.17 -4.39 13.23
C ALA A 278 -40.74 -3.84 13.36
N TYR A 279 -39.74 -4.72 13.46
CA TYR A 279 -38.36 -4.33 13.76
C TYR A 279 -37.64 -4.10 12.45
N VAL A 280 -37.03 -2.94 12.27
CA VAL A 280 -36.34 -2.67 11.02
C VAL A 280 -34.85 -2.84 11.20
N PRO A 281 -34.27 -3.85 10.55
CA PRO A 281 -32.86 -4.10 10.64
C PRO A 281 -32.11 -2.96 9.99
N CYS A 282 -30.91 -2.73 10.54
CA CYS A 282 -29.87 -1.99 9.83
C CYS A 282 -29.12 -2.86 8.82
N TYR A 283 -29.02 -4.20 9.00
CA TYR A 283 -28.21 -5.08 8.16
C TYR A 283 -29.00 -6.32 7.91
N PHE A 284 -28.98 -6.84 6.71
CA PHE A 284 -29.53 -8.14 6.46
C PHE A 284 -28.37 -9.11 6.33
N ILE A 285 -28.30 -10.15 7.16
CA ILE A 285 -27.25 -11.15 7.02
C ILE A 285 -27.78 -12.33 6.27
N HIS A 286 -27.16 -12.80 5.20
CA HIS A 286 -27.69 -13.95 4.52
C HIS A 286 -26.82 -15.13 4.91
N VAL A 287 -27.42 -16.23 5.40
CA VAL A 287 -26.65 -17.46 5.60
C VAL A 287 -27.00 -18.56 4.62
N LEU A 288 -26.08 -19.05 3.79
CA LEU A 288 -26.43 -19.95 2.74
C LEU A 288 -25.66 -21.22 3.04
N LYS A 289 -26.29 -22.37 3.24
CA LYS A 289 -25.62 -23.66 3.38
C LYS A 289 -25.63 -24.28 2.00
N LYS A 290 -24.52 -24.65 1.40
CA LYS A 290 -24.48 -25.26 0.08
C LYS A 290 -24.87 -26.73 0.04
N THR A 291 -25.88 -27.09 -0.73
CA THR A 291 -26.20 -28.49 -0.79
C THR A 291 -25.30 -29.33 -1.67
N GLY A 292 -24.84 -28.91 -2.87
CA GLY A 292 -24.03 -29.74 -3.77
C GLY A 292 -23.45 -29.01 -4.99
N VAL B 1 -21.96 26.58 -12.17
CA VAL B 1 -20.61 26.30 -11.70
C VAL B 1 -20.49 24.80 -12.03
N ASP B 2 -19.36 24.26 -12.47
CA ASP B 2 -19.26 22.84 -12.76
C ASP B 2 -18.83 22.06 -11.53
N SER B 3 -19.68 21.12 -11.17
CA SER B 3 -19.37 20.20 -10.12
C SER B 3 -18.68 19.02 -10.81
N VAL B 4 -17.71 18.39 -10.12
CA VAL B 4 -17.23 17.06 -10.44
C VAL B 4 -17.51 16.16 -9.23
N TYR B 5 -18.01 14.94 -9.38
CA TYR B 5 -18.42 14.13 -8.28
C TYR B 5 -17.54 12.90 -8.41
N ARG B 6 -16.71 12.60 -7.40
CA ARG B 6 -15.98 11.34 -7.40
C ARG B 6 -16.78 10.33 -6.61
N THR B 7 -16.67 9.08 -6.97
CA THR B 7 -17.17 7.94 -6.24
C THR B 7 -16.62 7.89 -4.84
N ARG B 8 -15.34 8.17 -4.65
CA ARG B 8 -14.72 8.19 -3.36
C ARG B 8 -13.53 9.15 -3.43
N SER B 9 -13.20 9.68 -2.26
CA SER B 9 -12.09 10.58 -2.12
C SER B 9 -10.80 9.90 -2.53
N LEU B 10 -9.95 10.72 -3.12
CA LEU B 10 -8.56 10.38 -3.37
C LEU B 10 -7.92 10.08 -2.05
N GLY B 11 -7.38 8.86 -2.00
CA GLY B 11 -6.67 8.32 -0.86
C GLY B 11 -7.53 7.35 -0.05
N VAL B 12 -8.82 7.16 -0.27
CA VAL B 12 -9.51 6.24 0.59
C VAL B 12 -9.56 4.84 0.06
N ALA B 13 -9.62 3.84 0.91
CA ALA B 13 -9.73 2.48 0.42
C ALA B 13 -11.02 1.82 0.86
N ALA B 14 -11.26 0.63 0.30
CA ALA B 14 -12.48 -0.06 0.60
C ALA B 14 -12.31 -1.54 0.34
N GLU B 15 -12.83 -2.31 1.24
CA GLU B 15 -12.62 -3.78 1.30
C GLU B 15 -12.64 -4.62 -0.03
N GLY B 16 -13.63 -4.65 -0.87
CA GLY B 16 -13.54 -5.65 -1.98
C GLY B 16 -12.92 -5.12 -3.29
N ILE B 17 -12.36 -3.92 -3.27
CA ILE B 17 -11.95 -3.33 -4.55
C ILE B 17 -10.51 -2.81 -4.62
N PRO B 18 -9.77 -2.89 -5.72
CA PRO B 18 -8.37 -2.50 -5.78
C PRO B 18 -8.26 -1.03 -5.44
N ASP B 19 -7.15 -0.57 -4.90
CA ASP B 19 -6.98 0.82 -4.53
C ASP B 19 -6.90 1.65 -5.80
N GLN B 20 -7.00 2.97 -5.65
CA GLN B 20 -7.25 3.86 -6.78
C GLN B 20 -6.54 3.69 -8.09
N TYR B 21 -5.23 3.64 -8.12
CA TYR B 21 -4.66 3.55 -9.47
C TYR B 21 -3.81 2.32 -9.56
N ALA B 22 -4.14 1.20 -8.91
CA ALA B 22 -3.26 0.06 -8.79
C ALA B 22 -3.09 -0.85 -10.02
N ASP B 23 -3.88 -0.66 -11.05
CA ASP B 23 -3.87 -1.56 -12.20
C ASP B 23 -4.01 -0.71 -13.45
N GLY B 24 -3.44 0.49 -13.46
CA GLY B 24 -3.34 1.25 -14.67
C GLY B 24 -2.17 0.68 -15.44
N GLU B 25 -2.00 1.10 -16.69
CA GLU B 25 -0.88 0.64 -17.52
C GLU B 25 0.42 1.06 -16.85
N ALA B 26 0.43 2.33 -16.42
CA ALA B 26 1.63 2.87 -15.80
C ALA B 26 2.07 2.06 -14.59
N ALA B 27 1.15 1.60 -13.74
CA ALA B 27 1.49 0.86 -12.54
C ALA B 27 1.90 -0.57 -12.82
N ARG B 28 1.28 -1.14 -13.86
CA ARG B 28 1.70 -2.42 -14.37
C ARG B 28 3.09 -2.37 -14.92
N VAL B 29 3.55 -1.48 -15.80
CA VAL B 29 4.96 -1.53 -16.24
C VAL B 29 5.90 -1.23 -15.09
N TRP B 30 5.48 -0.29 -14.24
CA TRP B 30 6.29 0.14 -13.15
C TRP B 30 6.59 -1.10 -12.34
N GLN B 31 5.64 -1.97 -12.04
CA GLN B 31 5.94 -3.19 -11.29
C GLN B 31 6.97 -4.12 -11.95
N LEU B 32 7.03 -4.11 -13.26
CA LEU B 32 8.04 -4.94 -13.94
C LEU B 32 9.41 -4.32 -13.74
N TYR B 33 9.43 -2.98 -13.77
CA TYR B 33 10.67 -2.25 -13.58
C TYR B 33 11.17 -2.46 -12.15
N ILE B 34 10.33 -2.27 -11.11
CA ILE B 34 10.89 -2.40 -9.75
C ILE B 34 11.32 -3.81 -9.41
N GLY B 35 10.72 -4.76 -10.14
CA GLY B 35 11.10 -6.14 -10.00
C GLY B 35 12.35 -6.46 -10.79
N ASP B 36 12.80 -5.60 -11.70
CA ASP B 36 13.98 -5.87 -12.48
C ASP B 36 15.24 -5.48 -11.70
N THR B 37 15.14 -4.63 -10.67
CA THR B 37 16.16 -4.42 -9.65
C THR B 37 16.25 -5.72 -8.83
N ARG B 38 17.00 -6.62 -9.38
CA ARG B 38 17.14 -7.97 -8.82
C ARG B 38 18.60 -8.37 -8.78
N SER B 39 19.12 -8.33 -9.98
CA SER B 39 20.46 -8.73 -10.41
C SER B 39 21.58 -7.73 -10.03
N ARG B 40 21.90 -7.70 -8.72
CA ARG B 40 23.00 -6.86 -8.25
C ARG B 40 24.31 -7.36 -8.76
N THR B 41 25.00 -6.29 -9.06
CA THR B 41 26.33 -6.35 -9.60
C THR B 41 27.34 -6.85 -8.57
N ALA B 42 28.20 -7.76 -9.05
CA ALA B 42 29.39 -8.24 -8.35
C ALA B 42 30.23 -7.12 -7.78
N GLU B 43 30.48 -6.08 -8.59
CA GLU B 43 31.16 -4.85 -8.20
C GLU B 43 30.53 -4.15 -7.05
N TYR B 44 29.22 -3.99 -7.17
CA TYR B 44 28.40 -3.44 -6.14
C TYR B 44 28.51 -4.19 -4.82
N LYS B 45 28.17 -5.48 -4.79
CA LYS B 45 28.26 -6.35 -3.61
C LYS B 45 29.67 -6.30 -3.03
N ALA B 46 30.69 -6.52 -3.86
CA ALA B 46 32.08 -6.41 -3.43
C ALA B 46 32.43 -5.07 -2.79
N TRP B 47 32.12 -3.91 -3.39
CA TRP B 47 32.48 -2.63 -2.85
C TRP B 47 31.81 -2.35 -1.51
N LEU B 48 30.53 -2.66 -1.45
CA LEU B 48 29.76 -2.19 -0.32
C LEU B 48 30.10 -3.04 0.88
N LEU B 49 30.13 -4.34 0.68
CA LEU B 49 30.52 -5.22 1.76
C LEU B 49 31.94 -4.95 2.27
N GLY B 50 32.88 -4.72 1.36
CA GLY B 50 34.23 -4.42 1.74
C GLY B 50 34.28 -3.13 2.51
N LEU B 51 33.55 -2.08 2.13
CA LEU B 51 33.59 -0.81 2.87
C LEU B 51 33.18 -0.98 4.32
N LEU B 52 32.19 -1.81 4.48
CA LEU B 52 31.49 -1.88 5.72
C LEU B 52 32.18 -2.84 6.71
N ARG B 53 32.81 -3.86 6.12
CA ARG B 53 33.70 -4.75 6.85
C ARG B 53 34.92 -4.01 7.34
N GLN B 54 35.58 -3.23 6.46
CA GLN B 54 36.76 -2.50 6.82
C GLN B 54 36.43 -1.53 7.92
N HIS B 55 35.20 -1.11 8.06
CA HIS B 55 34.99 -0.14 9.11
C HIS B 55 34.43 -0.76 10.34
N GLY B 56 34.25 -2.06 10.33
CA GLY B 56 33.65 -2.75 11.43
C GLY B 56 32.17 -2.45 11.64
N CYS B 57 31.38 -2.23 10.57
CA CYS B 57 30.01 -1.76 10.71
C CYS B 57 29.19 -2.94 11.12
N HIS B 58 28.20 -2.74 11.98
CA HIS B 58 27.30 -3.82 12.36
C HIS B 58 25.86 -3.35 12.41
N ARG B 59 25.45 -2.28 13.10
CA ARG B 59 24.10 -1.85 12.93
C ARG B 59 24.10 -0.83 11.82
N VAL B 60 23.22 -1.12 10.89
CA VAL B 60 23.11 -0.31 9.69
C VAL B 60 21.65 0.06 9.40
N LEU B 61 21.46 1.33 9.00
CA LEU B 61 20.15 1.87 8.70
C LEU B 61 20.08 1.99 7.19
N ASP B 62 19.10 1.43 6.51
CA ASP B 62 18.94 1.66 5.10
C ASP B 62 17.80 2.64 5.11
N VAL B 63 18.02 3.88 4.68
CA VAL B 63 16.97 4.88 4.77
C VAL B 63 16.19 4.99 3.45
N ALA B 64 16.45 4.18 2.44
CA ALA B 64 15.69 4.22 1.21
C ALA B 64 15.38 2.78 0.84
N CYS B 65 14.71 2.12 1.76
CA CYS B 65 14.58 0.67 1.75
C CYS B 65 14.03 0.08 0.42
N GLY B 66 12.94 0.62 -0.06
CA GLY B 66 12.34 0.14 -1.31
C GLY B 66 11.80 -1.26 -1.10
N THR B 67 11.99 -2.08 -2.10
CA THR B 67 11.53 -3.47 -2.09
C THR B 67 12.37 -4.31 -1.18
N GLY B 68 13.52 -3.83 -0.75
CA GLY B 68 14.27 -4.47 0.32
C GLY B 68 15.58 -5.00 -0.16
N VAL B 69 15.92 -4.76 -1.44
CA VAL B 69 17.05 -5.40 -2.10
C VAL B 69 18.38 -5.23 -1.40
N ASP B 70 18.75 -4.00 -1.12
CA ASP B 70 20.03 -3.77 -0.44
C ASP B 70 19.98 -4.32 0.96
N SER B 71 18.84 -4.15 1.60
CA SER B 71 18.66 -4.61 2.97
C SER B 71 18.75 -6.12 3.02
N ILE B 72 18.17 -6.87 2.08
CA ILE B 72 18.10 -8.30 2.21
C ILE B 72 19.53 -8.87 2.22
N MET B 73 20.39 -8.26 1.38
CA MET B 73 21.80 -8.57 1.31
C MET B 73 22.53 -8.29 2.62
N LEU B 74 22.25 -7.26 3.36
CA LEU B 74 22.97 -7.03 4.58
C LEU B 74 22.46 -8.00 5.62
N VAL B 75 21.16 -8.30 5.67
CA VAL B 75 20.61 -9.27 6.61
C VAL B 75 21.29 -10.62 6.45
N GLU B 76 21.33 -11.11 5.21
CA GLU B 76 22.00 -12.34 4.80
C GLU B 76 23.46 -12.36 5.21
N GLU B 77 24.12 -11.20 5.15
CA GLU B 77 25.52 -11.13 5.49
C GLU B 77 25.75 -10.93 6.94
N GLY B 78 24.73 -10.92 7.77
CA GLY B 78 24.90 -10.88 9.20
C GLY B 78 24.79 -9.49 9.81
N PHE B 79 24.52 -8.36 9.11
CA PHE B 79 24.51 -7.10 9.84
C PHE B 79 23.19 -6.97 10.57
N SER B 80 22.97 -6.00 11.45
CA SER B 80 21.75 -5.90 12.20
C SER B 80 21.10 -4.71 11.54
N VAL B 81 20.08 -4.92 10.72
CA VAL B 81 19.69 -3.86 9.82
C VAL B 81 18.33 -3.31 10.17
N THR B 82 18.20 -1.98 10.18
CA THR B 82 16.87 -1.41 10.26
C THR B 82 16.53 -0.72 8.94
N SER B 83 15.37 -0.95 8.32
CA SER B 83 15.11 -0.43 6.97
C SER B 83 13.85 0.39 6.99
N VAL B 84 13.91 1.62 6.46
CA VAL B 84 12.72 2.45 6.47
C VAL B 84 12.50 2.99 5.07
N ASP B 85 11.28 3.29 4.80
CA ASP B 85 10.92 4.01 3.60
C ASP B 85 9.64 4.73 3.87
N ALA B 86 9.45 5.81 3.14
CA ALA B 86 8.21 6.58 3.18
C ALA B 86 7.12 5.96 2.26
N SER B 87 7.46 5.09 1.34
CA SER B 87 6.46 4.54 0.40
C SER B 87 5.94 3.20 0.85
N ASP B 88 4.62 3.10 1.03
CA ASP B 88 4.00 1.81 1.28
C ASP B 88 3.91 0.87 0.07
N LYS B 89 3.77 1.31 -1.19
CA LYS B 89 3.70 0.39 -2.35
C LYS B 89 5.00 -0.37 -2.39
N MET B 90 6.12 0.25 -2.02
CA MET B 90 7.40 -0.40 -2.05
C MET B 90 7.69 -1.20 -0.77
N LEU B 91 7.20 -0.70 0.35
CA LEU B 91 7.50 -1.39 1.58
C LEU B 91 6.79 -2.72 1.56
N LYS B 92 5.61 -2.80 1.00
CA LYS B 92 4.91 -4.06 0.84
C LYS B 92 5.80 -5.23 0.36
N TYR B 93 6.75 -4.98 -0.54
CA TYR B 93 7.54 -6.05 -1.10
C TYR B 93 8.60 -6.56 -0.13
N ALA B 94 9.22 -5.65 0.64
CA ALA B 94 10.22 -6.00 1.65
C ALA B 94 9.58 -6.85 2.73
N LEU B 95 8.44 -6.33 3.20
CA LEU B 95 7.62 -6.92 4.24
C LEU B 95 7.25 -8.35 3.90
N LYS B 96 6.88 -8.57 2.63
CA LYS B 96 6.53 -9.87 2.13
C LYS B 96 7.73 -10.79 2.16
N GLU B 97 8.90 -10.31 1.77
CA GLU B 97 10.11 -11.10 1.90
C GLU B 97 10.41 -11.53 3.35
N ARG B 98 10.35 -10.61 4.32
CA ARG B 98 10.58 -10.94 5.71
C ARG B 98 9.59 -12.00 6.19
N TRP B 99 8.32 -11.91 5.83
CA TRP B 99 7.36 -12.91 6.23
C TRP B 99 7.74 -14.26 5.63
N ASN B 100 8.14 -14.33 4.36
CA ASN B 100 8.53 -15.59 3.76
C ASN B 100 9.69 -16.28 4.44
N ARG B 101 10.66 -15.46 4.85
CA ARG B 101 11.91 -15.94 5.41
C ARG B 101 11.95 -15.86 6.92
N ARG B 102 10.81 -15.61 7.52
CA ARG B 102 10.55 -15.48 8.96
C ARG B 102 11.31 -16.46 9.84
N LYS B 103 11.34 -17.71 9.37
CA LYS B 103 11.86 -18.82 10.14
C LYS B 103 13.38 -18.73 10.16
N GLU B 104 14.01 -18.05 9.20
CA GLU B 104 15.43 -17.82 9.26
C GLU B 104 15.58 -16.70 10.27
N PRO B 105 16.32 -16.90 11.37
CA PRO B 105 16.33 -16.05 12.55
C PRO B 105 16.82 -14.65 12.25
N ALA B 106 17.76 -14.53 11.31
CA ALA B 106 18.26 -13.21 10.95
C ALA B 106 17.11 -12.44 10.31
N PHE B 107 16.10 -13.05 9.66
CA PHE B 107 15.01 -12.33 9.05
C PHE B 107 13.93 -12.09 10.04
N ASP B 108 13.82 -12.88 11.09
CA ASP B 108 12.96 -12.48 12.19
C ASP B 108 13.44 -11.26 12.93
N LYS B 109 14.68 -10.92 12.81
CA LYS B 109 15.26 -9.84 13.58
C LYS B 109 15.43 -8.58 12.73
N TRP B 110 14.97 -8.53 11.44
CA TRP B 110 15.03 -7.41 10.50
C TRP B 110 13.85 -6.51 10.83
N VAL B 111 14.15 -5.22 11.05
CA VAL B 111 13.17 -4.20 11.39
C VAL B 111 12.90 -3.37 10.15
N ILE B 112 11.68 -3.41 9.65
CA ILE B 112 11.28 -2.57 8.55
C ILE B 112 10.30 -1.59 9.12
N GLU B 113 10.36 -0.30 8.86
CA GLU B 113 9.39 0.64 9.43
C GLU B 113 9.16 1.79 8.46
N GLU B 114 8.07 2.49 8.66
CA GLU B 114 7.76 3.65 7.81
C GLU B 114 8.50 4.81 8.37
N ALA B 115 9.11 5.61 7.55
CA ALA B 115 9.73 6.84 8.05
C ALA B 115 9.91 7.78 6.90
N ASN B 116 9.97 9.05 7.19
CA ASN B 116 10.17 10.07 6.16
C ASN B 116 11.46 10.76 6.49
N TRP B 117 12.33 11.07 5.54
CA TRP B 117 13.54 11.82 5.77
C TRP B 117 13.28 13.16 6.47
N LEU B 118 12.19 13.86 6.11
CA LEU B 118 11.78 15.11 6.75
C LEU B 118 11.40 15.05 8.21
N THR B 119 10.87 13.93 8.65
CA THR B 119 10.63 13.71 10.05
C THR B 119 11.48 12.53 10.65
N LEU B 120 12.65 12.25 10.11
CA LEU B 120 13.39 10.98 10.48
C LEU B 120 13.70 10.84 11.97
N ASP B 121 14.33 11.86 12.47
CA ASP B 121 14.70 12.02 13.87
C ASP B 121 13.60 11.55 14.80
N LYS B 122 12.32 11.83 14.48
CA LYS B 122 11.22 11.43 15.31
C LYS B 122 10.60 10.12 14.87
N ASP B 123 10.86 9.66 13.65
CA ASP B 123 10.32 8.39 13.22
C ASP B 123 11.17 7.19 13.61
N VAL B 124 12.44 7.42 13.75
CA VAL B 124 13.39 6.35 13.97
C VAL B 124 14.20 6.72 15.21
N PRO B 125 14.09 6.03 16.35
CA PRO B 125 15.01 6.16 17.48
C PRO B 125 16.46 5.87 17.10
N ALA B 126 17.29 6.93 17.05
CA ALA B 126 18.73 6.82 16.84
C ALA B 126 19.45 5.81 17.75
N GLY B 127 19.01 5.68 19.02
CA GLY B 127 19.70 4.81 19.95
C GLY B 127 21.03 5.51 20.15
N ASP B 128 22.15 4.78 20.21
CA ASP B 128 23.41 5.49 20.24
C ASP B 128 23.86 5.84 18.82
N GLY B 129 22.97 5.66 17.84
CA GLY B 129 23.25 6.04 16.47
C GLY B 129 23.74 4.78 15.78
N PHE B 130 23.74 4.74 14.46
CA PHE B 130 24.03 3.53 13.76
C PHE B 130 25.44 3.52 13.30
N ASP B 131 26.04 2.39 12.93
CA ASP B 131 27.36 2.44 12.36
C ASP B 131 27.34 2.90 10.91
N ALA B 132 26.42 2.49 10.04
CA ALA B 132 26.38 3.01 8.68
C ALA B 132 24.93 3.26 8.34
N VAL B 133 24.67 4.44 7.80
CA VAL B 133 23.39 4.76 7.22
C VAL B 133 23.69 4.67 5.72
N ILE B 134 22.90 3.87 4.97
CA ILE B 134 22.99 3.83 3.53
C ILE B 134 21.77 4.46 2.77
N CYS B 135 21.99 5.19 1.69
CA CYS B 135 20.94 5.82 0.89
C CYS B 135 21.41 5.80 -0.57
N LEU B 136 21.32 4.61 -1.14
CA LEU B 136 21.90 4.32 -2.47
C LEU B 136 20.98 3.81 -3.56
N GLY B 137 21.25 4.47 -4.71
CA GLY B 137 20.68 4.19 -6.03
C GLY B 137 19.92 5.40 -6.59
N ASN B 138 20.30 6.58 -6.13
CA ASN B 138 19.64 7.82 -6.55
C ASN B 138 18.20 7.84 -5.98
N SER B 139 18.13 7.50 -4.70
CA SER B 139 16.86 7.51 -3.96
C SER B 139 16.61 9.01 -3.51
N PHE B 140 17.66 9.61 -3.14
CA PHE B 140 17.61 10.85 -2.60
C PHE B 140 17.12 11.89 -3.60
N ALA B 141 17.45 11.70 -4.85
CA ALA B 141 17.12 12.70 -5.87
C ALA B 141 15.62 12.74 -6.16
N HIS B 142 14.90 11.76 -5.69
CA HIS B 142 13.46 11.72 -5.92
C HIS B 142 12.79 12.90 -5.25
N LEU B 143 13.46 13.45 -4.24
CA LEU B 143 12.92 14.46 -3.36
C LEU B 143 12.94 15.80 -3.93
N PRO B 144 11.82 16.40 -4.39
CA PRO B 144 11.79 17.67 -5.08
C PRO B 144 12.06 18.79 -4.10
N ASP B 145 12.32 19.90 -4.77
CA ASP B 145 12.49 21.11 -4.03
C ASP B 145 11.19 21.88 -4.20
N SER B 146 10.20 21.70 -3.34
CA SER B 146 8.95 22.44 -3.40
C SER B 146 9.15 23.91 -3.06
N LYS B 147 9.76 24.21 -1.92
CA LYS B 147 10.06 25.58 -1.56
C LYS B 147 11.01 26.39 -2.44
N GLY B 148 11.67 25.89 -3.48
CA GLY B 148 12.45 26.70 -4.40
C GLY B 148 13.83 27.00 -3.91
N ASP B 149 13.95 27.27 -2.62
CA ASP B 149 15.24 27.30 -1.95
C ASP B 149 15.49 25.85 -1.59
N GLN B 150 16.65 25.30 -1.27
CA GLN B 150 16.65 23.87 -1.11
C GLN B 150 16.42 23.44 0.33
N SER B 151 15.56 24.17 1.04
CA SER B 151 15.38 23.97 2.51
C SER B 151 15.04 22.53 2.85
N GLU B 152 14.11 21.97 2.12
CA GLU B 152 13.71 20.59 2.32
C GLU B 152 14.86 19.64 2.07
N HIS B 153 15.77 19.92 1.14
CA HIS B 153 16.93 19.09 0.94
C HIS B 153 17.82 19.18 2.15
N ARG B 154 17.94 20.36 2.73
CA ARG B 154 18.86 20.54 3.84
C ARG B 154 18.38 19.86 5.08
N LEU B 155 17.08 19.88 5.27
CA LEU B 155 16.45 19.26 6.40
C LEU B 155 16.48 17.73 6.36
N ALA B 156 16.19 17.11 5.21
CA ALA B 156 16.24 15.66 5.09
C ALA B 156 17.64 15.11 5.27
N LEU B 157 18.59 15.87 4.76
CA LEU B 157 19.99 15.52 4.80
C LEU B 157 20.56 15.67 6.22
N LYS B 158 20.23 16.73 6.96
CA LYS B 158 20.58 16.84 8.38
C LYS B 158 20.05 15.66 9.22
N ASN B 159 18.78 15.28 9.04
CA ASN B 159 18.21 14.18 9.79
C ASN B 159 18.85 12.90 9.44
N ILE B 160 19.16 12.69 8.15
CA ILE B 160 19.88 11.50 7.77
C ILE B 160 21.21 11.47 8.48
N ALA B 161 21.96 12.56 8.41
CA ALA B 161 23.20 12.67 9.14
C ALA B 161 23.03 12.48 10.65
N SER B 162 21.90 12.89 11.24
CA SER B 162 21.71 12.65 12.66
C SER B 162 21.62 11.19 13.14
N MET B 163 21.56 10.21 12.25
CA MET B 163 21.41 8.81 12.58
C MET B 163 22.78 8.15 12.53
N VAL B 164 23.84 8.89 12.14
CA VAL B 164 25.20 8.36 12.13
C VAL B 164 25.86 8.50 13.51
N ARG B 165 26.38 7.40 13.98
CA ARG B 165 27.07 7.31 15.26
C ARG B 165 28.37 8.06 15.03
N PRO B 166 28.93 8.73 16.01
CA PRO B 166 30.25 9.38 15.87
C PRO B 166 31.28 8.31 15.52
N GLY B 167 32.07 8.56 14.48
CA GLY B 167 32.91 7.52 13.92
C GLY B 167 32.22 6.67 12.85
N GLY B 168 30.93 6.89 12.63
CA GLY B 168 30.15 6.07 11.73
C GLY B 168 30.20 6.60 10.30
N LEU B 169 29.43 6.00 9.40
CA LEU B 169 29.56 6.27 8.00
C LEU B 169 28.18 6.68 7.43
N LEU B 170 28.06 7.66 6.51
CA LEU B 170 26.93 7.84 5.61
C LEU B 170 27.38 7.47 4.20
N VAL B 171 26.72 6.56 3.50
CA VAL B 171 27.06 6.28 2.13
C VAL B 171 25.80 6.70 1.35
N ILE B 172 25.83 7.77 0.55
CA ILE B 172 24.69 8.33 -0.15
C ILE B 172 25.16 8.71 -1.54
N ASP B 173 24.29 8.53 -2.53
CA ASP B 173 24.70 8.82 -3.91
C ASP B 173 23.66 9.61 -4.71
N HIS B 174 24.09 9.95 -5.91
CA HIS B 174 23.27 10.63 -6.90
C HIS B 174 23.79 10.27 -8.28
N ARG B 175 22.94 10.26 -9.30
CA ARG B 175 23.36 10.06 -10.66
C ARG B 175 24.17 11.26 -11.07
N ASN B 176 24.92 11.11 -12.16
CA ASN B 176 25.67 12.23 -12.67
C ASN B 176 24.78 13.22 -13.43
N TYR B 177 24.22 14.16 -12.67
CA TYR B 177 23.42 15.23 -13.24
C TYR B 177 24.23 16.25 -14.01
N ASP B 178 25.55 16.32 -13.82
CA ASP B 178 26.37 17.27 -14.57
C ASP B 178 26.41 16.87 -16.04
N TYR B 179 26.59 15.57 -16.29
CA TYR B 179 26.54 15.00 -17.63
C TYR B 179 25.15 15.11 -18.20
N ILE B 180 24.14 14.52 -17.56
CA ILE B 180 22.77 14.67 -17.99
C ILE B 180 22.42 16.12 -18.34
N LEU B 181 22.75 17.10 -17.50
CA LEU B 181 22.38 18.49 -17.76
C LEU B 181 23.05 19.08 -19.00
N SER B 182 24.33 18.76 -19.20
CA SER B 182 25.03 19.23 -20.39
C SER B 182 24.65 18.54 -21.69
N THR B 183 24.25 16.92 -22.36
CA THR B 183 23.83 16.07 -23.46
C THR B 183 22.29 16.03 -23.52
N GLY B 184 21.61 16.39 -22.51
CA GLY B 184 20.16 16.28 -22.47
C GLY B 184 19.71 14.83 -22.54
N CYS B 185 20.59 13.86 -22.34
CA CYS B 185 20.18 12.49 -22.47
C CYS B 185 20.75 11.68 -21.34
N ALA B 186 19.81 11.25 -20.54
CA ALA B 186 20.04 10.21 -19.55
C ALA B 186 20.00 8.94 -20.40
N PRO B 187 21.13 8.37 -20.77
CA PRO B 187 21.17 7.14 -21.60
C PRO B 187 20.59 5.90 -20.85
N PRO B 188 19.85 4.91 -21.49
CA PRO B 188 19.35 3.74 -20.77
C PRO B 188 20.42 2.74 -20.40
N GLY B 189 20.12 2.16 -19.28
CA GLY B 189 20.74 0.97 -18.76
C GLY B 189 22.27 0.95 -18.58
N LYS B 190 22.97 2.06 -18.49
CA LYS B 190 24.39 1.93 -18.08
C LYS B 190 24.27 2.02 -16.56
N ASN B 191 24.21 0.83 -15.92
CA ASN B 191 23.89 0.73 -14.49
C ASN B 191 24.91 -0.24 -13.87
N ILE B 192 25.36 0.39 -12.77
CA ILE B 192 26.49 -0.09 -12.02
C ILE B 192 26.05 -0.93 -10.80
N TYR B 193 24.75 -0.82 -10.42
CA TYR B 193 24.24 -1.53 -9.18
C TYR B 193 23.50 -2.91 -9.48
N TYR B 194 22.50 -2.97 -10.41
CA TYR B 194 21.82 -4.31 -10.84
C TYR B 194 21.87 -4.33 -12.34
N LYS B 195 22.00 -5.50 -12.99
CA LYS B 195 22.00 -5.53 -14.45
C LYS B 195 20.55 -5.63 -14.80
N SER B 196 20.14 -4.82 -15.77
CA SER B 196 18.75 -4.72 -16.15
C SER B 196 18.58 -5.81 -17.19
N ASP B 197 17.57 -6.67 -17.06
CA ASP B 197 17.24 -7.59 -18.15
C ASP B 197 16.11 -7.07 -19.03
N LEU B 198 15.59 -5.87 -18.79
CA LEU B 198 14.53 -5.33 -19.58
C LEU B 198 15.19 -4.34 -20.53
N THR B 199 14.55 -4.14 -21.67
CA THR B 199 15.04 -3.14 -22.60
C THR B 199 14.06 -2.01 -22.41
N LYS B 200 14.61 -0.81 -22.34
CA LYS B 200 13.82 0.35 -22.03
C LYS B 200 14.37 1.42 -22.96
N ASP B 201 13.55 2.37 -23.39
CA ASP B 201 14.03 3.57 -24.06
C ASP B 201 13.79 4.75 -23.10
N ILE B 202 14.67 5.74 -22.92
CA ILE B 202 14.45 6.89 -22.06
C ILE B 202 14.34 8.19 -22.86
N THR B 203 13.37 9.06 -22.61
CA THR B 203 13.28 10.43 -23.11
C THR B 203 13.52 11.28 -21.90
N THR B 204 14.40 12.25 -21.93
CA THR B 204 14.76 12.94 -20.72
C THR B 204 14.17 14.33 -20.79
N SER B 205 13.37 14.91 -19.91
CA SER B 205 13.05 16.30 -20.12
C SER B 205 13.67 17.01 -18.97
N VAL B 206 14.15 18.22 -19.20
CA VAL B 206 14.81 18.97 -18.18
C VAL B 206 14.01 20.26 -18.13
N LEU B 207 13.54 20.64 -16.95
CA LEU B 207 12.87 21.91 -16.76
C LEU B 207 13.78 22.92 -16.06
N THR B 208 13.93 24.12 -16.60
CA THR B 208 14.82 25.13 -16.05
C THR B 208 13.88 26.24 -15.73
N VAL B 209 13.90 26.72 -14.49
CA VAL B 209 13.05 27.82 -14.12
C VAL B 209 13.94 29.01 -13.82
N ASN B 210 13.67 30.10 -14.50
CA ASN B 210 14.58 31.23 -14.54
C ASN B 210 15.88 30.53 -14.84
N ASN B 211 17.06 30.89 -14.40
CA ASN B 211 18.15 30.09 -14.97
C ASN B 211 18.44 28.75 -14.30
N LYS B 212 17.65 28.33 -13.33
CA LYS B 212 18.03 27.12 -12.58
C LYS B 212 17.29 25.83 -12.88
N ALA B 213 18.02 24.83 -13.33
CA ALA B 213 17.54 23.47 -13.48
C ALA B 213 16.77 23.01 -12.26
N HIS B 214 15.56 22.58 -12.48
CA HIS B 214 14.68 22.38 -11.35
C HIS B 214 14.28 20.92 -11.33
N MET B 215 14.26 20.20 -12.44
CA MET B 215 13.74 18.87 -12.38
C MET B 215 14.21 18.17 -13.64
N VAL B 216 14.49 16.86 -13.60
CA VAL B 216 14.76 16.01 -14.74
C VAL B 216 13.61 14.99 -14.75
N THR B 217 12.80 14.83 -15.81
CA THR B 217 11.71 13.87 -15.87
C THR B 217 12.07 12.80 -16.87
N LEU B 218 11.89 11.58 -16.49
CA LEU B 218 12.24 10.51 -17.37
C LEU B 218 10.97 9.77 -17.68
N ASP B 219 10.76 9.60 -19.00
CA ASP B 219 9.76 8.69 -19.54
C ASP B 219 10.43 7.39 -19.90
N TYR B 220 10.01 6.30 -19.30
CA TYR B 220 10.64 5.02 -19.50
C TYR B 220 9.62 4.30 -20.35
N THR B 221 9.97 3.95 -21.60
CA THR B 221 9.16 3.09 -22.42
C THR B 221 9.74 1.68 -22.30
N VAL B 222 9.02 0.73 -21.74
CA VAL B 222 9.53 -0.59 -21.45
C VAL B 222 8.93 -1.56 -22.45
N GLN B 223 9.83 -2.31 -23.11
CA GLN B 223 9.46 -3.45 -23.92
C GLN B 223 9.03 -4.59 -23.00
N VAL B 224 7.76 -4.94 -22.91
CA VAL B 224 7.24 -6.02 -22.11
C VAL B 224 7.07 -7.29 -22.97
N PRO B 225 7.77 -8.40 -22.69
CA PRO B 225 8.08 -9.46 -23.62
C PRO B 225 7.01 -10.33 -24.24
N GLY B 226 6.03 -10.69 -23.43
CA GLY B 226 5.12 -11.65 -24.01
C GLY B 226 3.80 -11.07 -24.50
N ALA B 227 3.76 -9.79 -24.81
CA ALA B 227 2.45 -9.16 -24.87
C ALA B 227 1.90 -8.73 -26.23
N GLY B 228 2.32 -9.34 -27.28
CA GLY B 228 1.76 -9.09 -28.60
C GLY B 228 1.15 -10.41 -29.10
N ARG B 229 1.12 -10.58 -30.42
CA ARG B 229 0.48 -11.78 -31.03
C ARG B 229 1.38 -13.03 -30.95
N ASP B 230 2.16 -13.30 -31.95
CA ASP B 230 2.92 -14.56 -31.97
C ASP B 230 4.23 -14.46 -31.17
N GLY B 231 4.06 -14.15 -29.90
CA GLY B 231 5.15 -14.13 -28.91
C GLY B 231 5.82 -12.75 -28.80
N ALA B 232 5.41 -11.81 -29.63
CA ALA B 232 6.12 -10.51 -29.68
C ALA B 232 5.91 -9.67 -28.43
N PRO B 233 6.79 -8.76 -28.11
CA PRO B 233 6.63 -7.90 -26.95
C PRO B 233 5.74 -6.74 -27.25
N GLY B 234 5.18 -6.21 -26.18
CA GLY B 234 4.52 -4.90 -26.18
C GLY B 234 5.44 -3.83 -25.60
N PHE B 235 5.03 -2.56 -25.62
CA PHE B 235 5.82 -1.47 -25.08
C PHE B 235 4.90 -0.67 -24.21
N SER B 236 5.26 -0.24 -23.01
CA SER B 236 4.36 0.61 -22.23
C SER B 236 5.22 1.62 -21.51
N LYS B 237 4.69 2.55 -20.75
CA LYS B 237 5.46 3.72 -20.44
C LYS B 237 5.14 4.15 -19.03
N PHE B 238 6.08 4.68 -18.30
CA PHE B 238 5.73 5.37 -17.08
C PHE B 238 6.73 6.46 -16.92
N ARG B 239 6.50 7.31 -15.92
CA ARG B 239 7.31 8.49 -15.75
C ARG B 239 7.73 8.69 -14.31
N LEU B 240 8.90 9.29 -14.12
CA LEU B 240 9.35 9.58 -12.79
C LEU B 240 10.21 10.79 -12.89
N SER B 241 10.31 11.59 -11.84
CA SER B 241 11.02 12.82 -11.83
C SER B 241 12.06 12.91 -10.70
N TYR B 242 12.99 13.89 -10.88
CA TYR B 242 14.15 14.07 -9.96
C TYR B 242 14.71 15.50 -9.85
N TYR B 243 15.41 15.74 -8.76
CA TYR B 243 16.12 16.98 -8.57
C TYR B 243 17.51 16.80 -9.18
N PRO B 244 17.95 17.62 -10.17
CA PRO B 244 19.25 17.42 -10.82
C PRO B 244 20.40 17.84 -9.90
N HIS B 245 20.81 16.98 -8.99
CA HIS B 245 21.91 17.30 -8.04
C HIS B 245 23.26 17.25 -8.72
N CYS B 246 23.86 18.43 -8.82
CA CYS B 246 25.21 18.62 -9.33
C CYS B 246 26.22 18.30 -8.28
N LEU B 247 27.38 17.81 -8.71
CA LEU B 247 28.32 17.28 -7.74
C LEU B 247 28.78 18.31 -6.74
N ALA B 248 29.12 19.51 -7.19
CA ALA B 248 29.56 20.53 -6.27
C ALA B 248 28.46 21.03 -5.34
N SER B 249 27.19 21.14 -5.74
CA SER B 249 26.16 21.59 -4.79
C SER B 249 25.97 20.53 -3.72
N PHE B 250 25.95 19.30 -4.23
CA PHE B 250 25.68 18.20 -3.38
C PHE B 250 26.78 18.06 -2.38
N THR B 251 28.03 18.15 -2.80
CA THR B 251 29.14 18.06 -1.87
C THR B 251 29.00 19.10 -0.76
N GLU B 252 28.58 20.34 -1.08
CA GLU B 252 28.32 21.39 -0.09
C GLU B 252 27.19 20.99 0.87
N LEU B 253 26.04 20.68 0.30
CA LEU B 253 24.86 20.21 1.04
C LEU B 253 25.22 19.10 2.01
N VAL B 254 25.90 18.07 1.52
CA VAL B 254 26.18 16.97 2.40
C VAL B 254 27.18 17.31 3.49
N GLN B 255 28.16 18.16 3.28
CA GLN B 255 29.11 18.40 4.36
C GLN B 255 28.51 19.36 5.34
N GLU B 256 27.62 20.22 4.86
CA GLU B 256 26.82 21.08 5.72
C GLU B 256 25.89 20.32 6.65
N ALA B 257 25.38 19.12 6.32
CA ALA B 257 24.49 18.37 7.20
C ALA B 257 25.22 17.88 8.44
N PHE B 258 26.53 17.64 8.25
CA PHE B 258 27.46 17.28 9.29
C PHE B 258 28.03 18.49 10.01
N GLY B 259 27.67 19.70 9.62
CA GLY B 259 28.28 20.91 10.16
C GLY B 259 29.76 21.04 9.80
N GLY B 260 30.25 20.27 8.84
CA GLY B 260 31.65 20.34 8.46
C GLY B 260 32.49 19.38 9.28
N ARG B 261 31.93 18.73 10.31
CA ARG B 261 32.63 17.75 11.14
C ARG B 261 32.51 16.39 10.47
N CYS B 262 33.18 16.17 9.33
CA CYS B 262 33.14 14.88 8.62
C CYS B 262 34.39 14.67 7.81
N GLN B 263 34.87 13.48 7.51
CA GLN B 263 35.70 13.31 6.33
C GLN B 263 34.79 12.97 5.16
N HIS B 264 35.17 13.31 3.94
CA HIS B 264 34.32 13.16 2.79
C HIS B 264 35.12 12.70 1.57
N SER B 265 34.70 11.62 0.91
CA SER B 265 35.36 11.08 -0.27
C SER B 265 34.29 10.81 -1.32
N VAL B 266 34.53 10.95 -2.62
CA VAL B 266 33.48 10.80 -3.60
C VAL B 266 34.13 9.92 -4.63
N LEU B 267 33.40 8.85 -4.88
CA LEU B 267 33.77 7.83 -5.82
C LEU B 267 32.99 8.13 -7.10
N GLY B 268 33.45 7.44 -8.11
CA GLY B 268 33.21 7.70 -9.49
C GLY B 268 32.37 6.55 -9.84
N ASP B 269 32.71 5.46 -10.52
CA ASP B 269 31.65 4.45 -10.53
C ASP B 269 31.92 3.67 -9.30
N PHE B 270 32.55 2.51 -9.16
CA PHE B 270 32.93 2.23 -7.75
C PHE B 270 34.35 2.72 -7.42
N LYS B 271 34.98 3.44 -8.33
CA LYS B 271 36.39 3.75 -8.22
C LYS B 271 36.59 5.22 -7.94
N PRO B 272 37.73 5.75 -7.46
CA PRO B 272 37.89 7.17 -7.17
C PRO B 272 37.62 8.20 -8.24
N TYR B 273 37.38 9.41 -7.76
CA TYR B 273 37.03 10.45 -8.68
C TYR B 273 38.04 11.55 -8.53
N ARG B 274 38.73 11.77 -9.62
CA ARG B 274 39.68 12.84 -9.70
C ARG B 274 38.97 13.76 -10.66
N PRO B 275 38.56 14.97 -10.25
CA PRO B 275 37.85 15.91 -11.14
C PRO B 275 38.77 16.23 -12.30
N GLY B 276 38.26 15.95 -13.50
CA GLY B 276 39.06 16.09 -14.70
C GLY B 276 39.73 14.82 -15.16
N GLN B 277 39.45 13.68 -14.54
CA GLN B 277 39.71 12.41 -15.18
C GLN B 277 38.90 12.28 -16.46
N ALA B 278 39.30 11.40 -17.36
CA ALA B 278 38.54 11.14 -18.57
C ALA B 278 37.15 10.55 -18.32
N TYR B 279 37.10 9.44 -17.56
CA TYR B 279 35.91 8.64 -17.29
C TYR B 279 34.85 9.46 -16.58
N VAL B 280 33.72 9.56 -17.28
CA VAL B 280 32.56 10.29 -16.76
C VAL B 280 31.75 9.22 -16.06
N PRO B 281 31.59 9.24 -14.74
CA PRO B 281 30.82 8.22 -14.04
C PRO B 281 29.32 8.35 -14.30
N CYS B 282 28.64 7.22 -14.17
CA CYS B 282 27.20 7.29 -14.16
C CYS B 282 26.68 7.74 -12.82
N TYR B 283 27.35 7.49 -11.67
CA TYR B 283 26.80 7.72 -10.36
C TYR B 283 27.94 8.27 -9.55
N PHE B 284 27.70 9.20 -8.70
CA PHE B 284 28.71 9.59 -7.72
C PHE B 284 28.26 9.08 -6.39
N ILE B 285 29.13 8.34 -5.75
CA ILE B 285 28.87 7.89 -4.39
C ILE B 285 29.70 8.76 -3.45
N HIS B 286 29.09 9.22 -2.39
CA HIS B 286 29.80 10.01 -1.38
C HIS B 286 29.91 9.13 -0.16
N VAL B 287 31.09 9.01 0.43
CA VAL B 287 31.18 8.36 1.73
C VAL B 287 31.76 9.33 2.72
N LEU B 288 31.00 9.53 3.77
CA LEU B 288 31.28 10.57 4.72
C LEU B 288 31.49 9.82 6.01
N LYS B 289 32.49 10.13 6.82
CA LYS B 289 32.57 9.56 8.16
C LYS B 289 32.31 10.70 9.16
N LYS B 290 31.49 10.56 10.17
CA LYS B 290 31.34 11.63 11.14
C LYS B 290 32.57 11.67 12.06
N THR B 291 33.31 12.78 12.00
CA THR B 291 34.54 12.97 12.76
C THR B 291 34.21 14.05 13.77
N GLY B 292 33.44 13.60 14.71
CA GLY B 292 32.79 14.49 15.63
C GLY B 292 31.34 14.02 15.70
C ACT C . -13.78 1.62 4.50
O ACT C . -13.52 2.79 4.80
OXT ACT C . -13.42 1.19 3.38
CH3 ACT C . -14.48 0.71 5.45
N SAM D . -14.09 -5.96 9.08
CA SAM D . -15.15 -5.42 8.24
C SAM D . -15.16 -6.24 6.94
O SAM D . -15.67 -7.38 6.95
OXT SAM D . -14.86 -5.75 5.86
CB SAM D . -14.84 -3.93 7.99
CG SAM D . -15.90 -2.89 8.40
SD SAM D . -15.45 -1.17 8.01
CE SAM D . -14.26 -0.67 9.26
C5' SAM D . -16.89 -0.15 8.50
C4' SAM D . -17.98 -0.50 7.63
O4' SAM D . -19.26 -0.02 8.21
C3' SAM D . -17.77 0.25 6.24
O3' SAM D . -17.81 -0.67 5.11
C2' SAM D . -18.95 1.21 6.16
O2' SAM D . -19.43 1.27 4.84
C1' SAM D . -19.99 0.58 7.09
N9 SAM D . -21.21 1.44 7.37
C8 SAM D . -22.33 1.45 6.54
N7 SAM D . -23.24 2.32 6.89
C5 SAM D . -22.72 2.94 8.03
C6 SAM D . -23.25 3.91 8.91
N6 SAM D . -24.43 4.49 8.69
N1 SAM D . -22.53 4.25 10.00
C2 SAM D . -21.34 3.67 10.19
N3 SAM D . -20.71 2.77 9.44
C4 SAM D . -21.47 2.43 8.35
C ACT E . 11.23 3.43 -8.87
O ACT E . 10.54 3.08 -9.84
OXT ACT E . 10.70 4.17 -8.02
CH3 ACT E . 12.63 2.96 -8.70
N SAM F . 18.32 -0.71 -4.22
CA SAM F . 18.12 0.73 -4.12
C SAM F . 17.95 1.37 -2.73
O SAM F . 18.61 1.00 -1.74
OXT SAM F . 17.38 2.45 -2.66
CB SAM F . 16.98 1.13 -5.08
CG SAM F . 17.39 1.43 -6.53
SD SAM F . 16.16 2.45 -7.41
CE SAM F . 14.89 1.23 -7.66
C5' SAM F . 16.61 2.75 -9.17
C4' SAM F . 17.06 4.11 -9.43
O4' SAM F . 17.92 4.15 -10.63
C3' SAM F . 15.83 5.08 -9.73
O3' SAM F . 15.87 6.27 -8.88
C2' SAM F . 16.03 5.50 -11.17
O2' SAM F . 15.62 6.83 -11.37
C1' SAM F . 17.52 5.35 -11.37
N9 SAM F . 18.45 5.86 -12.62
C8 SAM F . 19.19 6.96 -13.01
N7 SAM F . 19.45 7.03 -14.28
C5 SAM F . 18.91 5.84 -14.79
C6 SAM F . 18.71 5.38 -16.12
N6 SAM F . 19.16 5.98 -17.21
N1 SAM F . 17.99 4.26 -16.26
C2 SAM F . 17.55 3.62 -15.17
N3 SAM F . 17.64 3.93 -13.89
C4 SAM F . 18.33 5.10 -13.77
#